data_1YEM
#
_entry.id   1YEM
#
_cell.length_a   97.016
_cell.length_b   97.016
_cell.length_c   127.590
_cell.angle_alpha   90.00
_cell.angle_beta   90.00
_cell.angle_gamma   120.00
#
_symmetry.space_group_name_H-M   'P 31 2 1'
#
loop_
_entity.id
_entity.type
_entity.pdbx_description
1 polymer 'Conserved hypothetical protein Pfu-838710-001'
2 non-polymer 'PLATINUM (II) ION'
3 non-polymer 'UNKNOWN ATOM OR ION'
4 water water
#
_entity_poly.entity_id   1
_entity_poly.type   'polypeptide(L)'
_entity_poly.pdbx_seq_one_letter_code
;MHHHHHHGSEVEIKFKIKLEDFLHTLNTFNPEFVRYEEQEDVYFEVPRPKLLRIRGVHNLKKYYLTFKEILDENNEEFYE
VEFEIGDFEKAVEVFKRLGFKIQATIKKKRWVYKLNGVTLEVNRVEGIGDFVDIEVISDSPEEAKEKIWEVAKMLGLKEE
DVEPRLYLELINELSGRSS
;
_entity_poly.pdbx_strand_id   A,B
#
loop_
_chem_comp.id
_chem_comp.type
_chem_comp.name
_chem_comp.formula
PT non-polymer 'PLATINUM (II) ION' 'Pt 2'
UNX non-polymer 'UNKNOWN ATOM OR ION' ?
#
# COMPACT_ATOMS: atom_id res chain seq x y z
N SER A 9 9.00 -15.28 8.47
CA SER A 9 9.31 -16.44 9.38
C SER A 9 9.59 -15.97 10.83
N GLU A 10 8.53 -15.72 11.58
CA GLU A 10 8.60 -14.99 12.85
C GLU A 10 8.08 -15.88 13.98
N VAL A 11 8.84 -15.99 15.06
CA VAL A 11 8.33 -16.64 16.28
C VAL A 11 8.19 -15.60 17.37
N GLU A 12 7.08 -15.65 18.09
CA GLU A 12 6.71 -14.57 18.99
C GLU A 12 5.87 -15.11 20.15
N ILE A 13 6.26 -14.79 21.38
CA ILE A 13 5.43 -15.11 22.55
C ILE A 13 5.09 -13.82 23.28
N LYS A 14 3.83 -13.68 23.67
CA LYS A 14 3.34 -12.48 24.30
C LYS A 14 3.06 -12.79 25.78
N PHE A 15 3.42 -11.84 26.66
CA PHE A 15 3.26 -11.99 28.12
C PHE A 15 2.60 -10.78 28.73
N LYS A 16 1.72 -11.00 29.71
CA LYS A 16 1.17 -9.94 30.51
C LYS A 16 2.27 -9.43 31.45
N ILE A 17 2.32 -8.12 31.66
CA ILE A 17 3.30 -7.50 32.55
C ILE A 17 2.66 -6.32 33.22
N LYS A 18 3.37 -5.76 34.20
CA LYS A 18 3.13 -4.40 34.69
C LYS A 18 4.28 -3.60 34.14
N LEU A 19 3.96 -2.50 33.48
CA LEU A 19 4.91 -1.76 32.63
C LEU A 19 6.22 -1.35 33.32
N GLU A 20 6.11 -0.60 34.40
CA GLU A 20 7.29 -0.06 35.09
C GLU A 20 8.11 -1.15 35.71
N ASP A 21 7.45 -2.08 36.42
CA ASP A 21 8.15 -3.24 36.98
C ASP A 21 9.00 -3.89 35.91
N PHE A 22 8.39 -4.21 34.77
CA PHE A 22 9.10 -4.96 33.74
C PHE A 22 10.26 -4.17 33.15
N LEU A 23 10.03 -2.88 32.93
CA LEU A 23 11.10 -2.01 32.43
C LEU A 23 12.28 -1.92 33.39
N HIS A 24 11.97 -1.89 34.69
CA HIS A 24 13.04 -1.87 35.70
C HIS A 24 13.78 -3.18 35.61
N THR A 25 13.03 -4.27 35.62
CA THR A 25 13.59 -5.60 35.50
C THR A 25 14.41 -5.73 34.21
N LEU A 26 13.79 -5.34 33.10
CA LEU A 26 14.47 -5.39 31.81
C LEU A 26 15.82 -4.63 31.83
N ASN A 27 15.83 -3.42 32.40
CA ASN A 27 17.05 -2.57 32.35
C ASN A 27 18.26 -3.11 33.14
N THR A 28 18.02 -3.93 34.16
CA THR A 28 19.12 -4.57 34.88
C THR A 28 20.00 -5.45 33.98
N PHE A 29 19.52 -5.76 32.77
CA PHE A 29 20.25 -6.64 31.82
C PHE A 29 20.92 -5.89 30.66
N ASN A 30 20.85 -4.56 30.69
CA ASN A 30 21.51 -3.71 29.68
C ASN A 30 21.06 -4.03 28.24
N PRO A 31 19.75 -3.89 28.00
CA PRO A 31 19.20 -4.08 26.67
C PRO A 31 19.59 -2.91 25.74
N GLU A 32 19.74 -3.23 24.47
CA GLU A 32 19.97 -2.24 23.45
C GLU A 32 18.66 -1.50 23.18
N PHE A 33 18.73 -0.17 23.05
CA PHE A 33 17.56 0.64 22.71
C PHE A 33 17.40 0.67 21.20
N VAL A 34 16.15 0.76 20.74
CA VAL A 34 15.86 0.86 19.29
C VAL A 34 15.05 2.12 19.00
N ARG A 35 13.80 2.12 19.47
CA ARG A 35 12.90 3.25 19.31
C ARG A 35 11.68 3.08 20.17
N TYR A 36 10.91 4.16 20.24
CA TYR A 36 9.65 4.25 20.92
C TYR A 36 8.59 4.63 19.86
N GLU A 37 7.41 4.04 19.95
CA GLU A 37 6.36 4.23 18.95
C GLU A 37 5.00 4.38 19.57
N GLU A 38 4.29 5.41 19.14
CA GLU A 38 2.87 5.57 19.43
C GLU A 38 2.12 5.07 18.19
N GLN A 39 1.44 3.94 18.33
CA GLN A 39 0.90 3.21 17.20
C GLN A 39 -0.58 3.22 17.20
N GLU A 40 -1.18 3.29 16.02
CA GLU A 40 -2.61 3.05 15.84
C GLU A 40 -2.73 2.01 14.72
N ASP A 41 -3.35 0.88 15.03
CA ASP A 41 -3.49 -0.25 14.12
C ASP A 41 -4.94 -0.44 13.80
N VAL A 42 -5.27 -0.36 12.51
CA VAL A 42 -6.60 -0.66 12.01
C VAL A 42 -6.60 -2.04 11.39
N TYR A 43 -7.38 -2.95 11.98
CA TYR A 43 -7.51 -4.32 11.47
C TYR A 43 -8.71 -4.45 10.57
N PHE A 44 -8.52 -5.13 9.44
CA PHE A 44 -9.62 -5.42 8.55
C PHE A 44 -9.98 -6.90 8.68
N GLU A 45 -11.28 -7.21 8.58
CA GLU A 45 -11.74 -8.61 8.62
C GLU A 45 -11.25 -9.42 7.41
N VAL A 46 -10.44 -10.44 7.69
CA VAL A 46 -9.92 -11.36 6.68
C VAL A 46 -10.07 -12.80 7.19
N PRO A 47 -10.01 -13.80 6.29
CA PRO A 47 -10.24 -15.15 6.77
C PRO A 47 -9.02 -15.75 7.47
N ARG A 48 -9.25 -16.82 8.23
CA ARG A 48 -8.19 -17.46 8.96
C ARG A 48 -7.23 -18.10 7.98
N PRO A 49 -5.95 -18.17 8.35
CA PRO A 49 -5.30 -17.69 9.56
C PRO A 49 -4.56 -16.33 9.32
N LYS A 50 -5.23 -15.40 8.64
CA LYS A 50 -4.60 -14.20 8.14
C LYS A 50 -4.94 -12.99 8.99
N LEU A 51 -4.03 -12.01 8.96
CA LEU A 51 -4.24 -10.71 9.60
C LEU A 51 -3.84 -9.57 8.66
N LEU A 52 -4.64 -8.53 8.63
CA LEU A 52 -4.37 -7.42 7.74
C LEU A 52 -4.62 -6.13 8.49
N ARG A 53 -3.57 -5.32 8.62
CA ARG A 53 -3.74 -4.02 9.26
C ARG A 53 -2.93 -2.93 8.61
N ILE A 54 -3.40 -1.73 8.86
CA ILE A 54 -2.71 -0.54 8.53
C ILE A 54 -2.29 0.08 9.84
N ARG A 55 -0.99 0.35 9.96
CA ARG A 55 -0.43 0.93 11.17
C ARG A 55 0.03 2.38 10.96
N GLY A 56 -0.38 3.26 11.86
CA GLY A 56 0.12 4.64 11.90
C GLY A 56 1.01 4.85 13.10
N VAL A 57 2.25 5.30 12.87
CA VAL A 57 3.16 5.63 13.97
C VAL A 57 3.27 7.15 14.06
N HIS A 58 2.38 7.74 14.85
CA HIS A 58 2.18 9.20 14.86
C HIS A 58 3.45 10.02 15.17
N ASN A 59 4.24 9.56 16.15
CA ASN A 59 5.42 10.27 16.59
C ASN A 59 6.58 10.20 15.62
N LEU A 60 6.60 9.18 14.76
CA LEU A 60 7.67 9.05 13.76
C LEU A 60 7.21 9.46 12.38
N LYS A 61 5.92 9.78 12.23
CA LYS A 61 5.33 10.02 10.93
C LYS A 61 5.69 8.90 9.92
N LYS A 62 5.51 7.64 10.32
CA LYS A 62 5.70 6.48 9.46
C LYS A 62 4.41 5.63 9.48
N TYR A 63 4.05 5.09 8.33
CA TYR A 63 2.80 4.35 8.16
C TYR A 63 3.15 3.08 7.43
N TYR A 64 2.48 1.98 7.79
CA TYR A 64 2.77 0.65 7.25
C TYR A 64 1.50 -0.11 6.91
N LEU A 65 1.62 -1.01 5.95
CA LEU A 65 0.60 -1.99 5.74
C LEU A 65 1.23 -3.32 6.11
N THR A 66 0.54 -4.09 6.95
CA THR A 66 1.11 -5.34 7.45
C THR A 66 0.16 -6.49 7.27
N PHE A 67 0.63 -7.51 6.55
CA PHE A 67 -0.09 -8.73 6.37
C PHE A 67 0.64 -9.85 7.10
N LYS A 68 -0.13 -10.67 7.82
CA LYS A 68 0.41 -11.80 8.57
C LYS A 68 -0.44 -13.04 8.39
N GLU A 69 0.23 -14.16 8.38
CA GLU A 69 -0.40 -15.45 8.29
C GLU A 69 0.09 -16.27 9.48
N ILE A 70 -0.85 -16.70 10.34
CA ILE A 70 -0.52 -17.54 11.48
C ILE A 70 -0.24 -18.96 10.99
N LEU A 71 0.92 -19.49 11.40
CA LEU A 71 1.42 -20.79 10.92
C LEU A 71 1.30 -21.94 11.96
N ASP A 72 0.93 -21.60 13.20
CA ASP A 72 0.89 -22.59 14.28
C ASP A 72 -0.44 -22.52 15.03
N GLU A 73 -0.56 -23.31 16.09
CA GLU A 73 -1.83 -23.42 16.82
C GLU A 73 -1.98 -22.35 17.92
N ASN A 74 -0.84 -21.88 18.45
CA ASN A 74 -0.83 -21.02 19.63
C ASN A 74 -0.60 -19.52 19.35
N ASN A 75 -0.82 -19.10 18.08
CA ASN A 75 -0.57 -17.72 17.64
C ASN A 75 0.84 -17.24 17.91
N GLU A 76 1.82 -18.12 17.76
CA GLU A 76 3.20 -17.78 18.09
C GLU A 76 4.13 -17.80 16.90
N GLU A 77 3.65 -18.30 15.77
CA GLU A 77 4.45 -18.33 14.55
C GLU A 77 3.68 -17.67 13.42
N PHE A 78 4.37 -16.79 12.70
CA PHE A 78 3.74 -15.92 11.72
C PHE A 78 4.65 -15.76 10.54
N TYR A 79 4.06 -15.72 9.36
CA TYR A 79 4.73 -15.29 8.16
C TYR A 79 4.20 -13.88 7.97
N GLU A 80 5.09 -12.92 7.83
CA GLU A 80 4.69 -11.52 7.72
C GLU A 80 5.20 -10.88 6.43
N VAL A 81 4.35 -10.11 5.78
CA VAL A 81 4.75 -9.26 4.67
C VAL A 81 4.27 -7.84 4.97
N GLU A 82 5.22 -6.90 5.07
CA GLU A 82 4.86 -5.52 5.30
C GLU A 82 5.76 -4.54 4.55
N PHE A 83 5.24 -3.36 4.32
CA PHE A 83 5.97 -2.29 3.64
C PHE A 83 5.38 -0.95 4.07
N GLU A 84 6.16 0.13 3.88
CA GLU A 84 5.70 1.49 4.19
C GLU A 84 4.69 1.97 3.18
N ILE A 85 3.79 2.81 3.64
CA ILE A 85 2.83 3.46 2.79
C ILE A 85 2.94 4.95 3.11
N GLY A 86 2.51 5.81 2.19
CA GLY A 86 2.70 7.26 2.38
C GLY A 86 1.55 7.97 3.01
N ASP A 87 0.40 7.31 3.15
CA ASP A 87 -0.78 7.97 3.65
C ASP A 87 -1.70 6.99 4.36
N PHE A 88 -1.81 7.17 5.67
CA PHE A 88 -2.58 6.29 6.54
C PHE A 88 -4.06 6.26 6.17
N GLU A 89 -4.68 7.43 6.13
CA GLU A 89 -6.11 7.52 5.87
C GLU A 89 -6.49 7.04 4.47
N LYS A 90 -5.68 7.37 3.46
CA LYS A 90 -5.98 6.91 2.09
C LYS A 90 -5.95 5.39 2.00
N ALA A 91 -4.96 4.77 2.65
CA ALA A 91 -4.87 3.30 2.69
C ALA A 91 -6.11 2.67 3.34
N VAL A 92 -6.57 3.27 4.45
CA VAL A 92 -7.81 2.84 5.08
C VAL A 92 -8.97 3.02 4.10
N GLU A 93 -9.00 4.14 3.39
CA GLU A 93 -10.07 4.40 2.41
C GLU A 93 -10.08 3.35 1.28
N VAL A 94 -8.91 3.05 0.73
CA VAL A 94 -8.83 2.07 -0.35
C VAL A 94 -9.41 0.74 0.09
N PHE A 95 -8.96 0.23 1.22
CA PHE A 95 -9.45 -1.08 1.70
C PHE A 95 -10.94 -1.10 2.03
N LYS A 96 -11.48 0.00 2.54
CA LYS A 96 -12.93 0.11 2.71
C LYS A 96 -13.63 0.02 1.36
N ARG A 97 -13.15 0.79 0.38
CA ARG A 97 -13.78 0.82 -0.94
C ARG A 97 -13.66 -0.48 -1.70
N LEU A 98 -12.71 -1.32 -1.32
CA LEU A 98 -12.62 -2.67 -1.87
C LEU A 98 -13.56 -3.64 -1.16
N GLY A 99 -14.27 -3.18 -0.13
CA GLY A 99 -15.26 -4.01 0.55
C GLY A 99 -14.79 -4.65 1.86
N PHE A 100 -13.57 -4.33 2.30
CA PHE A 100 -13.09 -4.83 3.60
C PHE A 100 -13.73 -4.06 4.74
N LYS A 101 -14.01 -4.77 5.84
CA LYS A 101 -14.61 -4.19 7.03
C LYS A 101 -13.54 -4.06 8.15
N ILE A 102 -13.56 -2.92 8.82
CA ILE A 102 -12.70 -2.71 9.99
C ILE A 102 -13.18 -3.59 11.10
N GLN A 103 -12.30 -4.46 11.60
CA GLN A 103 -12.62 -5.35 12.69
C GLN A 103 -12.31 -4.70 14.05
N ALA A 104 -11.28 -3.83 14.10
CA ALA A 104 -10.84 -3.19 15.35
C ALA A 104 -9.80 -2.11 15.11
N THR A 105 -9.79 -1.11 15.99
CA THR A 105 -8.72 -0.14 16.05
C THR A 105 -8.02 -0.27 17.38
N ILE A 106 -6.70 -0.43 17.34
CA ILE A 106 -5.90 -0.69 18.52
C ILE A 106 -4.81 0.37 18.65
N LYS A 107 -4.83 1.12 19.74
CA LYS A 107 -3.82 2.12 20.01
C LYS A 107 -2.91 1.60 21.09
N LYS A 108 -1.61 1.71 20.87
CA LYS A 108 -0.65 1.29 21.87
C LYS A 108 0.60 2.14 21.89
N LYS A 109 1.30 2.13 23.02
CA LYS A 109 2.61 2.75 23.13
C LYS A 109 3.61 1.64 23.26
N ARG A 110 4.69 1.71 22.51
CA ARG A 110 5.60 0.59 22.40
C ARG A 110 7.03 1.02 22.54
N TRP A 111 7.78 0.28 23.36
CA TRP A 111 9.21 0.50 23.55
C TRP A 111 9.92 -0.72 23.01
N VAL A 112 10.76 -0.52 22.00
CA VAL A 112 11.45 -1.62 21.34
C VAL A 112 12.90 -1.71 21.81
N TYR A 113 13.35 -2.94 22.09
CA TYR A 113 14.72 -3.23 22.51
C TYR A 113 15.22 -4.49 21.82
N LYS A 114 16.55 -4.64 21.76
CA LYS A 114 17.18 -5.94 21.44
C LYS A 114 17.98 -6.42 22.68
N LEU A 115 17.85 -7.69 23.01
CA LEU A 115 18.56 -8.30 24.14
C LEU A 115 18.87 -9.76 23.85
N ASN A 116 20.15 -10.12 23.89
CA ASN A 116 20.59 -11.52 23.72
C ASN A 116 20.03 -12.15 22.44
N GLY A 117 20.05 -11.40 21.35
CA GLY A 117 19.57 -11.89 20.05
C GLY A 117 18.07 -12.11 19.93
N VAL A 118 17.27 -11.49 20.80
CA VAL A 118 15.83 -11.40 20.58
C VAL A 118 15.44 -9.94 20.52
N THR A 119 14.19 -9.70 20.09
CA THR A 119 13.60 -8.38 20.09
C THR A 119 12.51 -8.39 21.13
N LEU A 120 12.42 -7.32 21.92
CA LEU A 120 11.36 -7.17 22.87
C LEU A 120 10.56 -5.96 22.50
N GLU A 121 9.24 -6.09 22.58
CA GLU A 121 8.36 -4.99 22.32
C GLU A 121 7.47 -4.85 23.51
N VAL A 122 7.77 -3.86 24.34
CA VAL A 122 7.00 -3.59 25.52
C VAL A 122 5.88 -2.66 25.15
N ASN A 123 4.65 -3.11 25.35
CA ASN A 123 3.47 -2.41 24.89
C ASN A 123 2.59 -2.02 26.05
N ARG A 124 2.14 -0.77 26.07
CA ARG A 124 0.96 -0.40 26.84
C ARG A 124 -0.17 -0.25 25.84
N VAL A 125 -1.14 -1.15 25.93
CA VAL A 125 -2.22 -1.21 24.97
C VAL A 125 -3.46 -0.59 25.57
N GLU A 126 -3.97 0.43 24.88
CA GLU A 126 -5.08 1.23 25.35
C GLU A 126 -6.34 0.37 25.47
N GLY A 127 -6.97 0.44 26.65
CA GLY A 127 -8.17 -0.33 26.92
C GLY A 127 -7.96 -1.82 27.13
N ILE A 128 -6.72 -2.27 27.21
CA ILE A 128 -6.46 -3.72 27.31
C ILE A 128 -5.44 -4.08 28.38
N GLY A 129 -4.33 -3.36 28.44
CA GLY A 129 -3.29 -3.66 29.44
C GLY A 129 -1.91 -3.60 28.85
N ASP A 130 -0.91 -4.02 29.63
CA ASP A 130 0.49 -3.98 29.20
C ASP A 130 0.98 -5.36 28.93
N PHE A 131 1.81 -5.50 27.89
CA PHE A 131 2.33 -6.79 27.47
C PHE A 131 3.71 -6.61 26.93
N VAL A 132 4.49 -7.67 26.95
CA VAL A 132 5.74 -7.69 26.22
C VAL A 132 5.67 -8.84 25.17
N ASP A 133 6.10 -8.53 23.95
CA ASP A 133 6.29 -9.51 22.88
C ASP A 133 7.76 -9.80 22.78
N ILE A 134 8.13 -11.08 22.87
CA ILE A 134 9.51 -11.48 22.67
C ILE A 134 9.50 -12.31 21.42
N GLU A 135 10.37 -11.95 20.46
CA GLU A 135 10.31 -12.51 19.14
C GLU A 135 11.65 -12.67 18.45
N VAL A 136 11.75 -13.71 17.63
CA VAL A 136 12.90 -13.91 16.73
C VAL A 136 12.42 -14.22 15.32
N ILE A 137 13.08 -13.60 14.35
CA ILE A 137 12.86 -13.88 12.95
C ILE A 137 13.75 -15.05 12.58
N SER A 138 13.17 -16.23 12.39
CA SER A 138 13.95 -17.41 12.03
C SER A 138 13.12 -18.55 11.38
N ASP A 139 13.85 -19.43 10.69
CA ASP A 139 13.27 -20.63 10.07
C ASP A 139 13.59 -21.87 10.93
N SER A 140 13.21 -21.80 12.21
CA SER A 140 13.34 -22.94 13.13
C SER A 140 12.52 -22.69 14.41
N PRO A 141 11.20 -22.86 14.34
CA PRO A 141 10.30 -22.59 15.47
C PRO A 141 10.75 -23.17 16.83
N GLU A 142 11.13 -24.43 16.87
CA GLU A 142 11.46 -25.13 18.15
C GLU A 142 12.67 -24.50 18.87
N GLU A 143 13.69 -24.13 18.10
CA GLU A 143 14.89 -23.50 18.63
C GLU A 143 14.61 -22.05 19.06
N ALA A 144 13.97 -21.29 18.18
CA ALA A 144 13.59 -19.92 18.46
C ALA A 144 12.65 -19.82 19.65
N LYS A 145 11.77 -20.80 19.83
CA LYS A 145 10.86 -20.80 20.97
C LYS A 145 11.64 -20.98 22.30
N GLU A 146 12.77 -21.70 22.24
CA GLU A 146 13.60 -21.97 23.42
C GLU A 146 14.45 -20.76 23.78
N LYS A 147 14.99 -20.08 22.76
CA LYS A 147 15.74 -18.83 22.93
C LYS A 147 14.88 -17.71 23.55
N ILE A 148 13.59 -17.70 23.22
CA ILE A 148 12.62 -16.75 23.78
C ILE A 148 12.36 -17.07 25.23
N TRP A 149 12.20 -18.35 25.52
CA TRP A 149 11.88 -18.79 26.88
C TRP A 149 13.09 -18.62 27.82
N GLU A 150 14.29 -18.77 27.26
CA GLU A 150 15.52 -18.46 27.97
C GLU A 150 15.50 -17.01 28.49
N VAL A 151 15.29 -16.06 27.57
CA VAL A 151 15.20 -14.64 27.93
C VAL A 151 14.01 -14.37 28.85
N ALA A 152 12.87 -15.00 28.56
CA ALA A 152 11.66 -14.75 29.32
C ALA A 152 11.78 -15.19 30.78
N LYS A 153 12.38 -16.36 30.98
CA LYS A 153 12.60 -16.93 32.33
C LYS A 153 13.50 -15.95 33.10
N MET A 154 14.61 -15.60 32.46
CA MET A 154 15.52 -14.61 32.99
C MET A 154 14.88 -13.29 33.44
N LEU A 155 13.89 -12.82 32.69
CA LEU A 155 13.14 -11.62 33.05
C LEU A 155 12.04 -11.91 34.06
N GLY A 156 11.95 -13.17 34.51
CA GLY A 156 10.98 -13.56 35.53
C GLY A 156 9.58 -13.83 35.00
N LEU A 157 9.48 -14.02 33.69
CA LEU A 157 8.19 -14.29 33.08
C LEU A 157 7.94 -15.80 33.11
N LYS A 158 6.72 -16.16 33.48
CA LYS A 158 6.30 -17.55 33.60
C LYS A 158 5.13 -17.93 32.63
N GLU A 159 4.83 -19.22 32.60
CA GLU A 159 3.70 -19.76 31.86
C GLU A 159 2.39 -19.04 32.11
N GLU A 160 2.11 -18.68 33.36
CA GLU A 160 0.85 -18.01 33.69
C GLU A 160 0.79 -16.58 33.16
N ASP A 161 1.95 -16.02 32.79
CA ASP A 161 2.00 -14.67 32.21
C ASP A 161 1.64 -14.68 30.73
N VAL A 162 1.82 -15.83 30.09
CA VAL A 162 1.65 -15.95 28.64
C VAL A 162 0.22 -15.58 28.20
N GLU A 163 0.13 -14.70 27.20
CA GLU A 163 -1.13 -14.30 26.60
C GLU A 163 -1.16 -14.84 25.17
N PRO A 164 -1.96 -15.90 24.93
CA PRO A 164 -1.97 -16.52 23.58
C PRO A 164 -3.00 -15.88 22.63
N ARG A 165 -3.95 -15.14 23.18
CA ARG A 165 -4.93 -14.42 22.40
C ARG A 165 -4.35 -13.11 21.78
N LEU A 166 -4.78 -12.82 20.56
CA LEU A 166 -4.36 -11.62 19.84
C LEU A 166 -5.08 -10.41 20.40
N TYR A 167 -4.45 -9.24 20.30
CA TYR A 167 -5.08 -7.97 20.70
C TYR A 167 -6.44 -7.83 20.04
N LEU A 168 -6.52 -8.26 18.77
CA LEU A 168 -7.77 -8.30 18.03
C LEU A 168 -8.86 -9.13 18.73
N GLU A 169 -8.50 -10.32 19.23
CA GLU A 169 -9.45 -11.16 19.98
C GLU A 169 -9.81 -10.52 21.32
N LEU A 170 -8.82 -9.93 21.99
CA LEU A 170 -8.99 -9.44 23.38
C LEU A 170 -10.01 -8.32 23.56
N ILE A 171 -10.54 -7.77 22.47
CA ILE A 171 -11.60 -6.75 22.57
C ILE A 171 -12.94 -7.39 23.01
N SER B 9 -11.46 13.58 -8.71
CA SER B 9 -12.31 13.90 -9.89
C SER B 9 -11.45 14.28 -11.13
N GLU B 10 -10.93 13.25 -11.78
CA GLU B 10 -10.17 13.40 -13.01
C GLU B 10 -11.13 13.31 -14.19
N VAL B 11 -11.01 14.27 -15.09
CA VAL B 11 -11.62 14.18 -16.41
C VAL B 11 -10.51 14.03 -17.43
N GLU B 12 -10.67 13.10 -18.34
CA GLU B 12 -9.58 12.67 -19.17
C GLU B 12 -10.13 12.12 -20.47
N ILE B 13 -9.46 12.46 -21.58
CA ILE B 13 -9.77 11.85 -22.86
C ILE B 13 -8.47 11.36 -23.52
N LYS B 14 -8.52 10.16 -24.08
CA LYS B 14 -7.34 9.49 -24.61
C LYS B 14 -7.39 9.46 -26.15
N PHE B 15 -6.29 9.82 -26.79
CA PHE B 15 -6.23 9.89 -28.23
C PHE B 15 -5.12 9.01 -28.75
N LYS B 16 -5.44 8.18 -29.76
CA LYS B 16 -4.46 7.45 -30.54
C LYS B 16 -3.56 8.43 -31.27
N ILE B 17 -2.25 8.23 -31.18
CA ILE B 17 -1.27 9.05 -31.90
C ILE B 17 -0.15 8.19 -32.49
N LYS B 18 0.65 8.78 -33.36
CA LYS B 18 1.96 8.21 -33.70
C LYS B 18 2.90 9.14 -32.99
N LEU B 19 3.68 8.60 -32.05
CA LEU B 19 4.46 9.42 -31.15
C LEU B 19 5.32 10.44 -31.89
N GLU B 20 5.81 10.04 -33.05
CA GLU B 20 6.80 10.81 -33.80
C GLU B 20 6.13 12.08 -34.35
N ASP B 21 5.19 11.92 -35.29
CA ASP B 21 4.30 13.02 -35.74
C ASP B 21 3.94 13.95 -34.57
N PHE B 22 3.43 13.35 -33.49
CA PHE B 22 2.85 14.12 -32.39
C PHE B 22 3.86 14.94 -31.61
N LEU B 23 5.08 14.44 -31.48
CA LEU B 23 6.11 15.22 -30.75
C LEU B 23 6.55 16.46 -31.54
N HIS B 24 6.43 16.43 -32.87
CA HIS B 24 6.62 17.65 -33.66
C HIS B 24 5.49 18.64 -33.37
N THR B 25 4.25 18.18 -33.53
CA THR B 25 3.06 18.98 -33.21
C THR B 25 3.16 19.60 -31.81
N LEU B 26 3.64 18.82 -30.86
CA LEU B 26 3.76 19.27 -29.48
C LEU B 26 4.86 20.33 -29.28
N ASN B 27 6.03 20.12 -29.92
CA ASN B 27 7.18 21.05 -29.79
C ASN B 27 6.88 22.40 -30.40
N THR B 28 5.99 22.38 -31.40
CA THR B 28 5.47 23.57 -32.03
C THR B 28 4.80 24.51 -31.01
N PHE B 29 4.00 23.94 -30.11
CA PHE B 29 3.40 24.70 -28.99
C PHE B 29 4.29 24.67 -27.76
N ASN B 30 5.37 23.88 -27.84
CA ASN B 30 6.46 23.87 -26.88
C ASN B 30 6.00 24.07 -25.41
N PRO B 31 5.31 23.04 -24.84
CA PRO B 31 4.81 23.12 -23.46
C PRO B 31 5.86 22.79 -22.42
N GLU B 32 5.49 22.99 -21.16
CA GLU B 32 6.36 22.71 -20.04
C GLU B 32 6.48 21.19 -19.80
N PHE B 33 7.71 20.68 -19.78
CA PHE B 33 7.98 19.27 -19.40
C PHE B 33 7.96 19.11 -17.90
N VAL B 34 7.16 18.15 -17.42
CA VAL B 34 7.03 17.91 -15.98
C VAL B 34 7.88 16.72 -15.55
N ARG B 35 7.65 15.55 -16.16
CA ARG B 35 8.37 14.35 -15.74
C ARG B 35 8.22 13.18 -16.69
N TYR B 36 9.09 12.19 -16.47
CA TYR B 36 9.19 11.00 -17.31
C TYR B 36 9.15 9.78 -16.41
N GLU B 37 8.35 8.79 -16.78
CA GLU B 37 8.18 7.59 -15.97
C GLU B 37 8.17 6.37 -16.82
N GLU B 38 9.01 5.39 -16.46
CA GLU B 38 8.91 4.05 -17.01
C GLU B 38 8.08 3.24 -16.02
N GLN B 39 6.85 2.94 -16.40
CA GLN B 39 5.88 2.38 -15.49
C GLN B 39 5.59 0.94 -15.77
N GLU B 40 5.42 0.17 -14.71
CA GLU B 40 4.89 -1.18 -14.78
C GLU B 40 3.66 -1.21 -13.90
N ASP B 41 2.53 -1.57 -14.49
CA ASP B 41 1.26 -1.53 -13.79
C ASP B 41 0.72 -2.93 -13.73
N VAL B 42 0.40 -3.39 -12.51
CA VAL B 42 -0.25 -4.68 -12.28
C VAL B 42 -1.70 -4.42 -11.83
N TYR B 43 -2.67 -4.89 -12.60
CA TYR B 43 -4.08 -4.73 -12.28
C TYR B 43 -4.60 -6.02 -11.66
N PHE B 44 -5.45 -5.87 -10.64
CA PHE B 44 -6.07 -6.98 -9.95
C PHE B 44 -7.55 -6.99 -10.26
N GLU B 45 -8.10 -8.18 -10.50
CA GLU B 45 -9.53 -8.31 -10.84
C GLU B 45 -10.39 -7.83 -9.70
N VAL B 46 -11.26 -6.88 -9.99
CA VAL B 46 -12.25 -6.39 -9.05
C VAL B 46 -13.50 -6.11 -9.85
N PRO B 47 -14.67 -6.15 -9.21
CA PRO B 47 -15.86 -5.81 -9.98
C PRO B 47 -15.84 -4.38 -10.48
N ARG B 48 -16.25 -4.17 -11.73
CA ARG B 48 -16.53 -2.83 -12.22
C ARG B 48 -17.52 -2.20 -11.24
N PRO B 49 -17.49 -0.86 -11.06
CA PRO B 49 -16.68 0.14 -11.76
C PRO B 49 -15.33 0.45 -11.09
N LYS B 50 -14.77 -0.53 -10.34
CA LYS B 50 -13.55 -0.30 -9.57
C LYS B 50 -12.34 -0.61 -10.38
N LEU B 51 -11.23 0.03 -10.05
CA LEU B 51 -9.91 -0.39 -10.54
C LEU B 51 -8.94 -0.43 -9.38
N LEU B 52 -7.99 -1.36 -9.47
CA LEU B 52 -6.99 -1.55 -8.44
C LEU B 52 -5.73 -1.93 -9.12
N ARG B 53 -4.67 -1.16 -8.89
CA ARG B 53 -3.37 -1.47 -9.47
C ARG B 53 -2.20 -1.03 -8.61
N ILE B 54 -1.12 -1.78 -8.75
CA ILE B 54 0.16 -1.43 -8.17
C ILE B 54 1.04 -0.96 -9.32
N ARG B 55 1.64 0.20 -9.17
CA ARG B 55 2.49 0.76 -10.19
C ARG B 55 3.89 0.84 -9.65
N GLY B 56 4.85 0.34 -10.44
CA GLY B 56 6.27 0.61 -10.17
C GLY B 56 6.85 1.53 -11.23
N VAL B 57 7.67 2.49 -10.80
CA VAL B 57 8.30 3.45 -11.70
C VAL B 57 9.83 3.23 -11.62
N HIS B 58 10.33 2.37 -12.50
CA HIS B 58 11.74 1.91 -12.49
C HIS B 58 12.74 3.03 -12.42
N ASN B 59 12.64 3.99 -13.34
CA ASN B 59 13.61 5.09 -13.39
C ASN B 59 13.66 5.97 -12.15
N LEU B 60 12.56 6.06 -11.41
CA LEU B 60 12.52 6.93 -10.21
C LEU B 60 12.60 6.17 -8.90
N LYS B 61 12.56 4.84 -8.96
CA LYS B 61 12.49 3.99 -7.77
C LYS B 61 11.30 4.39 -6.88
N LYS B 62 10.16 4.67 -7.50
CA LYS B 62 8.93 4.99 -6.76
C LYS B 62 7.87 3.96 -7.10
N TYR B 63 6.96 3.74 -6.14
CA TYR B 63 5.91 2.72 -6.26
C TYR B 63 4.62 3.22 -5.65
N TYR B 64 3.50 2.83 -6.23
CA TYR B 64 2.21 3.38 -5.88
C TYR B 64 1.17 2.32 -5.87
N LEU B 65 0.18 2.53 -5.03
CA LEU B 65 -1.02 1.74 -5.02
C LEU B 65 -2.14 2.69 -5.40
N THR B 66 -2.92 2.31 -6.40
CA THR B 66 -3.98 3.17 -6.91
C THR B 66 -5.33 2.44 -6.95
N PHE B 67 -6.35 3.10 -6.44
CA PHE B 67 -7.73 2.62 -6.58
C PHE B 67 -8.53 3.68 -7.33
N LYS B 68 -9.31 3.27 -8.32
CA LYS B 68 -10.21 4.18 -9.03
C LYS B 68 -11.65 3.68 -9.07
N GLU B 69 -12.59 4.61 -9.07
CA GLU B 69 -13.95 4.33 -9.51
C GLU B 69 -14.18 5.02 -10.84
N ILE B 70 -14.52 4.21 -11.85
CA ILE B 70 -14.89 4.71 -13.16
C ILE B 70 -16.29 5.28 -13.03
N LEU B 71 -16.46 6.56 -13.35
CA LEU B 71 -17.71 7.28 -13.09
C LEU B 71 -18.59 7.46 -14.32
N ASP B 72 -18.20 6.88 -15.47
CA ASP B 72 -19.01 6.96 -16.69
C ASP B 72 -18.61 5.87 -17.70
N GLU B 73 -19.49 5.63 -18.68
CA GLU B 73 -19.24 4.60 -19.69
C GLU B 73 -18.12 4.99 -20.64
N ASN B 74 -17.95 6.31 -20.88
CA ASN B 74 -16.87 6.85 -21.72
C ASN B 74 -15.43 6.55 -21.27
N ASN B 75 -15.26 6.22 -19.98
CA ASN B 75 -13.94 6.10 -19.33
C ASN B 75 -13.22 7.45 -19.37
N GLU B 76 -13.98 8.52 -19.19
CA GLU B 76 -13.44 9.89 -19.19
C GLU B 76 -13.46 10.55 -17.84
N GLU B 77 -13.96 9.84 -16.84
CA GLU B 77 -14.34 10.43 -15.57
C GLU B 77 -14.03 9.42 -14.47
N PHE B 78 -13.17 9.80 -13.53
CA PHE B 78 -12.68 8.88 -12.53
C PHE B 78 -12.62 9.49 -11.17
N TYR B 79 -12.92 8.69 -10.15
CA TYR B 79 -12.54 9.04 -8.79
C TYR B 79 -11.32 8.18 -8.44
N GLU B 80 -10.28 8.83 -7.93
CA GLU B 80 -9.04 8.12 -7.66
C GLU B 80 -8.54 8.33 -6.23
N VAL B 81 -8.07 7.26 -5.61
CA VAL B 81 -7.28 7.34 -4.38
C VAL B 81 -5.95 6.65 -4.60
N GLU B 82 -4.85 7.35 -4.37
CA GLU B 82 -3.54 6.71 -4.46
C GLU B 82 -2.53 7.24 -3.44
N PHE B 83 -1.56 6.39 -3.15
CA PHE B 83 -0.49 6.75 -2.24
C PHE B 83 0.72 5.92 -2.60
N GLU B 84 1.86 6.40 -2.18
CA GLU B 84 3.10 5.74 -2.40
C GLU B 84 3.24 4.53 -1.48
N ILE B 85 3.94 3.52 -1.97
CA ILE B 85 4.31 2.37 -1.17
C ILE B 85 5.82 2.15 -1.28
N GLY B 86 6.36 1.42 -0.31
CA GLY B 86 7.79 1.20 -0.22
C GLY B 86 8.29 0.03 -1.03
N ASP B 87 7.41 -0.90 -1.39
CA ASP B 87 7.82 -2.15 -2.04
C ASP B 87 6.76 -2.70 -3.00
N PHE B 88 7.12 -2.70 -4.28
CA PHE B 88 6.30 -3.19 -5.35
C PHE B 88 5.96 -4.66 -5.21
N GLU B 89 6.98 -5.47 -5.03
CA GLU B 89 6.81 -6.91 -5.07
C GLU B 89 5.99 -7.38 -3.87
N LYS B 90 6.29 -6.83 -2.70
CA LYS B 90 5.55 -7.18 -1.47
C LYS B 90 4.07 -6.84 -1.54
N ALA B 91 3.74 -5.70 -2.17
CA ALA B 91 2.36 -5.30 -2.36
C ALA B 91 1.64 -6.28 -3.27
N VAL B 92 2.32 -6.73 -4.31
CA VAL B 92 1.70 -7.65 -5.23
C VAL B 92 1.41 -8.96 -4.47
N GLU B 93 2.42 -9.41 -3.73
CA GLU B 93 2.33 -10.59 -2.86
C GLU B 93 1.16 -10.51 -1.90
N VAL B 94 1.08 -9.42 -1.16
CA VAL B 94 -0.01 -9.26 -0.21
C VAL B 94 -1.36 -9.45 -0.90
N PHE B 95 -1.56 -8.79 -2.04
CA PHE B 95 -2.86 -8.86 -2.73
C PHE B 95 -3.19 -10.25 -3.30
N LYS B 96 -2.20 -10.90 -3.88
CA LYS B 96 -2.31 -12.32 -4.28
C LYS B 96 -2.83 -13.12 -3.08
N ARG B 97 -2.06 -13.09 -1.97
CA ARG B 97 -2.42 -13.79 -0.73
C ARG B 97 -3.76 -13.37 -0.12
N LEU B 98 -4.20 -12.15 -0.40
CA LEU B 98 -5.59 -11.77 -0.09
C LEU B 98 -6.62 -12.34 -1.09
N GLY B 99 -6.16 -13.15 -2.06
CA GLY B 99 -7.05 -13.77 -3.04
C GLY B 99 -7.54 -12.89 -4.19
N PHE B 100 -6.77 -11.86 -4.53
CA PHE B 100 -7.02 -11.08 -5.74
C PHE B 100 -6.26 -11.72 -6.88
N LYS B 101 -6.90 -11.85 -8.05
CA LYS B 101 -6.21 -12.36 -9.25
C LYS B 101 -5.63 -11.22 -10.09
N ILE B 102 -4.42 -11.41 -10.60
CA ILE B 102 -3.82 -10.47 -11.55
C ILE B 102 -4.56 -10.48 -12.90
N GLN B 103 -5.29 -9.39 -13.20
CA GLN B 103 -6.03 -9.27 -14.46
C GLN B 103 -5.10 -8.94 -15.63
N ALA B 104 -4.10 -8.09 -15.38
CA ALA B 104 -3.19 -7.67 -16.44
C ALA B 104 -1.96 -6.97 -15.88
N THR B 105 -0.90 -7.02 -16.68
CA THR B 105 0.32 -6.29 -16.42
C THR B 105 0.60 -5.42 -17.65
N ILE B 106 0.88 -4.15 -17.41
CA ILE B 106 1.01 -3.16 -18.48
C ILE B 106 2.30 -2.40 -18.29
N LYS B 107 3.14 -2.38 -19.32
CA LYS B 107 4.36 -1.60 -19.33
C LYS B 107 4.17 -0.42 -20.30
N LYS B 108 4.60 0.75 -19.88
CA LYS B 108 4.53 1.92 -20.72
C LYS B 108 5.55 2.95 -20.26
N LYS B 109 5.97 3.76 -21.22
CA LYS B 109 6.74 4.97 -20.97
C LYS B 109 5.79 6.17 -21.06
N ARG B 110 5.97 7.13 -20.16
CA ARG B 110 5.10 8.27 -20.12
C ARG B 110 5.85 9.55 -19.90
N TRP B 111 5.59 10.55 -20.75
CA TRP B 111 6.09 11.90 -20.58
C TRP B 111 4.92 12.77 -20.20
N VAL B 112 5.07 13.49 -19.09
CA VAL B 112 4.04 14.40 -18.63
C VAL B 112 4.45 15.82 -19.02
N TYR B 113 3.56 16.51 -19.73
CA TYR B 113 3.68 17.92 -20.08
C TYR B 113 2.52 18.70 -19.48
N LYS B 114 2.70 20.00 -19.29
CA LYS B 114 1.66 20.84 -18.68
C LYS B 114 1.40 22.07 -19.51
N LEU B 115 0.12 22.46 -19.56
CA LEU B 115 -0.31 23.76 -20.05
C LEU B 115 -1.14 24.44 -18.94
N ASN B 116 -1.69 25.61 -19.23
CA ASN B 116 -2.52 26.27 -18.26
C ASN B 116 -3.77 25.43 -17.94
N GLY B 117 -3.71 24.75 -16.80
CA GLY B 117 -4.86 23.98 -16.29
C GLY B 117 -5.09 22.62 -16.95
N VAL B 118 -4.16 22.19 -17.82
CA VAL B 118 -4.29 20.92 -18.55
C VAL B 118 -2.98 20.13 -18.53
N THR B 119 -3.11 18.83 -18.34
CA THR B 119 -1.99 17.91 -18.41
C THR B 119 -2.06 17.07 -19.68
N LEU B 120 -0.90 16.93 -20.34
CA LEU B 120 -0.74 16.04 -21.48
C LEU B 120 0.17 14.89 -21.08
N GLU B 121 -0.37 13.67 -21.15
CA GLU B 121 0.40 12.48 -20.83
C GLU B 121 0.64 11.70 -22.08
N VAL B 122 1.85 11.79 -22.59
CA VAL B 122 2.24 11.07 -23.79
C VAL B 122 2.71 9.66 -23.39
N ASN B 123 1.97 8.66 -23.84
CA ASN B 123 2.21 7.27 -23.48
C ASN B 123 2.61 6.39 -24.65
N ARG B 124 3.71 5.67 -24.46
CA ARG B 124 4.12 4.61 -25.37
C ARG B 124 3.96 3.29 -24.63
N VAL B 125 2.97 2.53 -25.05
CA VAL B 125 2.48 1.38 -24.30
C VAL B 125 2.87 0.11 -25.04
N GLU B 126 3.75 -0.68 -24.41
CA GLU B 126 4.23 -1.94 -24.99
C GLU B 126 3.08 -2.84 -25.49
N GLY B 127 3.16 -3.25 -26.74
CA GLY B 127 2.20 -4.17 -27.32
C GLY B 127 0.87 -3.55 -27.75
N ILE B 128 0.66 -2.27 -27.50
CA ILE B 128 -0.58 -1.62 -27.89
C ILE B 128 -0.31 -0.47 -28.83
N GLY B 129 0.46 0.51 -28.38
CA GLY B 129 0.76 1.67 -29.20
C GLY B 129 0.95 2.95 -28.40
N ASP B 130 0.83 4.07 -29.12
CA ASP B 130 1.06 5.39 -28.60
C ASP B 130 -0.23 6.17 -28.39
N PHE B 131 -0.27 6.93 -27.32
CA PHE B 131 -1.48 7.65 -26.95
C PHE B 131 -1.10 8.90 -26.21
N VAL B 132 -1.94 9.93 -26.35
CA VAL B 132 -1.89 11.06 -25.46
C VAL B 132 -3.19 11.13 -24.66
N ASP B 133 -3.03 11.27 -23.35
CA ASP B 133 -4.14 11.46 -22.41
C ASP B 133 -4.16 12.94 -22.06
N ILE B 134 -5.27 13.62 -22.31
CA ILE B 134 -5.41 15.03 -21.99
C ILE B 134 -6.32 15.12 -20.78
N GLU B 135 -5.78 15.59 -19.67
CA GLU B 135 -6.42 15.45 -18.35
C GLU B 135 -6.66 16.81 -17.71
N VAL B 136 -7.75 16.88 -16.95
CA VAL B 136 -8.05 18.01 -16.09
C VAL B 136 -8.63 17.48 -14.75
N ILE B 137 -8.07 17.92 -13.63
CA ILE B 137 -8.67 17.64 -12.33
C ILE B 137 -9.67 18.75 -12.00
N SER B 138 -10.96 18.43 -12.13
CA SER B 138 -12.03 19.42 -12.01
C SER B 138 -13.25 18.85 -11.28
N ASP B 139 -13.97 19.74 -10.60
CA ASP B 139 -15.24 19.40 -9.94
C ASP B 139 -16.42 19.66 -10.89
N SER B 140 -16.15 19.71 -12.21
CA SER B 140 -17.13 20.12 -13.22
C SER B 140 -16.82 19.51 -14.61
N PRO B 141 -17.25 18.27 -14.86
CA PRO B 141 -16.91 17.50 -16.09
C PRO B 141 -17.14 18.22 -17.42
N GLU B 142 -18.26 18.93 -17.54
CA GLU B 142 -18.63 19.62 -18.78
C GLU B 142 -17.59 20.68 -19.15
N GLU B 143 -17.26 21.55 -18.21
CA GLU B 143 -16.28 22.61 -18.47
C GLU B 143 -14.93 21.99 -18.78
N ALA B 144 -14.57 20.96 -18.02
CA ALA B 144 -13.31 20.23 -18.19
C ALA B 144 -13.17 19.64 -19.62
N LYS B 145 -14.18 18.89 -20.04
CA LYS B 145 -14.19 18.31 -21.39
C LYS B 145 -14.04 19.36 -22.49
N GLU B 146 -14.59 20.55 -22.26
CA GLU B 146 -14.47 21.64 -23.24
C GLU B 146 -13.03 22.11 -23.37
N LYS B 147 -12.36 22.31 -22.23
CA LYS B 147 -10.93 22.62 -22.22
C LYS B 147 -10.09 21.55 -22.93
N ILE B 148 -10.36 20.29 -22.60
CA ILE B 148 -9.65 19.16 -23.20
C ILE B 148 -9.86 19.14 -24.71
N TRP B 149 -11.06 19.37 -25.16
CA TRP B 149 -11.35 19.34 -26.59
C TRP B 149 -10.71 20.51 -27.32
N GLU B 150 -10.65 21.67 -26.67
CA GLU B 150 -9.94 22.83 -27.21
C GLU B 150 -8.46 22.52 -27.41
N VAL B 151 -7.84 21.90 -26.41
CA VAL B 151 -6.43 21.50 -26.51
C VAL B 151 -6.25 20.47 -27.64
N ALA B 152 -7.12 19.48 -27.68
CA ALA B 152 -7.02 18.44 -28.69
C ALA B 152 -7.14 19.00 -30.09
N LYS B 153 -8.10 19.89 -30.30
CA LYS B 153 -8.35 20.50 -31.62
C LYS B 153 -7.18 21.40 -32.03
N MET B 154 -6.62 22.11 -31.06
CA MET B 154 -5.38 22.84 -31.23
C MET B 154 -4.20 21.99 -31.70
N LEU B 155 -4.15 20.73 -31.27
CA LEU B 155 -3.09 19.80 -31.65
C LEU B 155 -3.46 18.94 -32.85
N GLY B 156 -4.60 19.24 -33.48
CA GLY B 156 -5.01 18.56 -34.70
C GLY B 156 -5.60 17.17 -34.48
N LEU B 157 -6.14 16.93 -33.29
CA LEU B 157 -6.73 15.61 -32.95
C LEU B 157 -8.24 15.62 -33.17
N LYS B 158 -8.76 14.48 -33.60
CA LYS B 158 -10.15 14.36 -34.02
C LYS B 158 -10.91 13.36 -33.15
N GLU B 159 -12.23 13.42 -33.22
CA GLU B 159 -13.10 12.48 -32.53
C GLU B 159 -12.73 11.04 -32.91
N GLU B 160 -12.39 10.83 -34.18
CA GLU B 160 -12.01 9.49 -34.67
C GLU B 160 -10.72 8.95 -34.04
N ASP B 161 -9.90 9.84 -33.48
CA ASP B 161 -8.68 9.43 -32.78
C ASP B 161 -8.93 9.00 -31.34
N VAL B 162 -10.15 9.23 -30.82
CA VAL B 162 -10.46 8.91 -29.44
C VAL B 162 -10.38 7.41 -29.20
N GLU B 163 -9.66 7.02 -28.16
CA GLU B 163 -9.66 5.66 -27.69
C GLU B 163 -10.51 5.63 -26.44
N PRO B 164 -11.74 5.06 -26.54
CA PRO B 164 -12.59 4.97 -25.35
C PRO B 164 -12.19 3.85 -24.36
N ARG B 165 -11.44 2.85 -24.81
CA ARG B 165 -11.08 1.72 -23.94
C ARG B 165 -9.94 2.04 -22.97
N LEU B 166 -10.03 1.48 -21.77
CA LEU B 166 -8.93 1.46 -20.82
C LEU B 166 -7.78 0.66 -21.39
N TYR B 167 -6.56 0.98 -20.98
CA TYR B 167 -5.39 0.18 -21.34
C TYR B 167 -5.56 -1.28 -20.90
N LEU B 168 -6.26 -1.46 -19.77
CA LEU B 168 -6.58 -2.76 -19.19
C LEU B 168 -7.43 -3.55 -20.16
N GLU B 169 -8.46 -2.90 -20.70
CA GLU B 169 -9.35 -3.48 -21.70
C GLU B 169 -8.58 -3.82 -23.00
N LEU B 170 -7.69 -2.93 -23.42
CA LEU B 170 -6.92 -3.09 -24.66
C LEU B 170 -5.92 -4.24 -24.59
N ILE B 171 -5.23 -4.37 -23.45
CA ILE B 171 -4.29 -5.48 -23.24
C ILE B 171 -5.01 -6.85 -23.20
N ASN B 172 -6.16 -6.91 -22.51
CA ASN B 172 -6.98 -8.14 -22.42
C ASN B 172 -7.55 -8.55 -23.78
N GLU B 173 -8.00 -7.55 -24.55
CA GLU B 173 -8.44 -7.78 -25.94
C GLU B 173 -7.24 -8.18 -26.82
N LEU B 174 -6.09 -7.52 -26.61
CA LEU B 174 -4.87 -7.84 -27.36
C LEU B 174 -4.21 -9.14 -26.88
PT PT C . 20.02 -14.51 30.00
UNK UNX D . -0.51 -9.97 18.59
UNK UNX E . 1.52 -6.38 17.16
UNK UNX F . 4.11 -6.48 15.51
UNK UNX G . 5.07 -5.71 13.81
UNK UNX H . -2.80 8.25 -12.77
UNK UNX I . -2.97 5.43 -16.58
UNK UNX J . -6.74 4.44 -18.73
#